data_6Y4F
#
_entry.id   6Y4F
#
_cell.length_a   26.655
_cell.length_b   54.490
_cell.length_c   79.964
_cell.angle_alpha   90.000
_cell.angle_beta   90.000
_cell.angle_gamma   90.000
#
_symmetry.space_group_name_H-M   'P 21 21 21'
#
loop_
_entity.id
_entity.type
_entity.pdbx_description
1 polymer 'Fimbrial adhesin'
2 non-polymer 'ZINC ION'
3 non-polymer 'GLUTAMIC ACID'
4 water water
#
_entity_poly.entity_id   1
_entity_poly.type   'polypeptide(L)'
_entity_poly.pdbx_seq_one_letter_code
;SIFSYITESTGTPSNATYTYVIERWDPETSGILNPCYGWPVCYVTVNHKHTVNGTGGNPAFQIARIEKLRTLAEVRDVVL
KNRSFPIEGQTTHRGPSLNSNQECVGLFYQPNSSGISPRGKLLPGSLCGIAPPPVHHHHHH
;
_entity_poly.pdbx_strand_id   A
#
# COMPACT_ATOMS: atom_id res chain seq x y z
N SER A 1 0.06 -13.32 2.73
CA SER A 1 0.67 -12.01 2.91
C SER A 1 0.78 -11.25 1.59
N ILE A 2 1.07 -9.96 1.68
CA ILE A 2 1.35 -9.11 0.53
C ILE A 2 2.81 -8.70 0.60
N PHE A 3 3.59 -9.09 -0.41
CA PHE A 3 5.04 -8.90 -0.41
C PHE A 3 5.40 -7.70 -1.28
N SER A 4 6.01 -6.69 -0.67
CA SER A 4 6.51 -5.54 -1.40
C SER A 4 7.88 -5.16 -0.86
N TYR A 5 8.67 -4.51 -1.71
CA TYR A 5 9.97 -4.03 -1.27
C TYR A 5 10.42 -2.88 -2.16
N ILE A 6 11.20 -1.98 -1.57
CA ILE A 6 11.84 -0.89 -2.28
C ILE A 6 13.22 -1.36 -2.73
N THR A 7 13.53 -1.13 -4.01
CA THR A 7 14.81 -1.55 -4.55
C THR A 7 15.80 -0.39 -4.69
N GLU A 8 15.32 0.85 -4.59
CA GLU A 8 16.20 2.00 -4.55
C GLU A 8 15.47 3.16 -3.89
N SER A 9 16.15 3.82 -2.96
CA SER A 9 15.64 5.02 -2.32
C SER A 9 16.64 6.13 -2.64
N THR A 10 16.29 6.99 -3.59
CA THR A 10 17.17 8.03 -4.09
C THR A 10 16.87 9.35 -3.41
N GLY A 11 17.90 9.98 -2.84
CA GLY A 11 17.73 11.23 -2.13
C GLY A 11 18.10 11.12 -0.67
N THR A 12 17.25 11.66 0.20
CA THR A 12 17.51 11.69 1.63
C THR A 12 16.35 11.04 2.38
N PRO A 13 16.48 10.83 3.69
CA PRO A 13 15.36 10.23 4.44
C PRO A 13 14.07 11.02 4.36
N SER A 14 14.14 12.34 4.21
CA SER A 14 12.96 13.20 4.17
C SER A 14 12.56 13.65 2.78
N ASN A 15 13.40 13.43 1.77
CA ASN A 15 13.09 13.80 0.38
C ASN A 15 13.61 12.67 -0.50
N ALA A 16 12.75 11.73 -0.86
CA ALA A 16 13.18 10.50 -1.51
C ALA A 16 12.29 10.15 -2.69
N THR A 17 12.90 9.50 -3.68
CA THR A 17 12.18 8.81 -4.74
C THR A 17 12.39 7.32 -4.55
N TYR A 18 11.30 6.57 -4.42
CA TYR A 18 11.37 5.13 -4.25
C TYR A 18 11.12 4.44 -5.57
N THR A 19 11.94 3.43 -5.89
CA THR A 19 11.61 2.43 -6.89
C THR A 19 11.19 1.18 -6.13
N TYR A 20 10.04 0.62 -6.49
CA TYR A 20 9.43 -0.42 -5.66
C TYR A 20 8.90 -1.56 -6.51
N VAL A 21 8.64 -2.68 -5.83
CA VAL A 21 7.99 -3.84 -6.40
C VAL A 21 6.98 -4.34 -5.39
N ILE A 22 5.71 -4.44 -5.80
CA ILE A 22 4.70 -5.19 -5.06
C ILE A 22 4.59 -6.52 -5.81
N GLU A 23 5.22 -7.56 -5.28
CA GLU A 23 5.50 -8.74 -6.07
C GLU A 23 4.36 -9.75 -6.06
N ARG A 24 3.74 -9.98 -4.91
CA ARG A 24 2.78 -11.07 -4.80
C ARG A 24 1.84 -10.82 -3.63
N TRP A 25 0.60 -11.24 -3.80
CA TRP A 25 -0.41 -11.26 -2.74
C TRP A 25 -0.94 -12.69 -2.65
N ASP A 26 -0.55 -13.40 -1.59
CA ASP A 26 -0.97 -14.78 -1.42
C ASP A 26 -2.49 -14.87 -1.27
N PRO A 27 -3.09 -16.00 -1.64
CA PRO A 27 -4.52 -16.19 -1.42
C PRO A 27 -4.92 -15.90 0.03
N GLU A 28 -6.12 -15.35 0.19
CA GLU A 28 -6.67 -14.98 1.49
C GLU A 28 -7.64 -16.07 1.91
N THR A 29 -7.20 -16.95 2.82
CA THR A 29 -7.95 -18.14 3.19
C THR A 29 -8.34 -18.17 4.66
N SER A 30 -8.12 -17.09 5.40
CA SER A 30 -8.36 -17.09 6.84
C SER A 30 -9.50 -16.16 7.25
N GLY A 31 -10.30 -15.69 6.30
CA GLY A 31 -11.50 -14.96 6.63
C GLY A 31 -11.29 -13.56 7.16
N ILE A 32 -10.13 -12.95 6.90
CA ILE A 32 -9.88 -11.59 7.36
C ILE A 32 -10.87 -10.64 6.69
N LEU A 33 -11.40 -9.71 7.47
CA LEU A 33 -12.38 -8.75 6.97
C LEU A 33 -11.69 -7.55 6.35
N ASN A 34 -12.38 -6.90 5.43
CA ASN A 34 -11.90 -5.65 4.87
C ASN A 34 -11.98 -4.56 5.93
N PRO A 35 -10.85 -3.99 6.37
CA PRO A 35 -10.91 -3.03 7.48
C PRO A 35 -11.67 -1.75 7.18
N CYS A 36 -11.98 -1.44 5.92
CA CYS A 36 -12.75 -0.26 5.59
C CYS A 36 -14.12 -0.59 4.99
N TYR A 37 -14.58 -1.82 5.15
CA TYR A 37 -15.94 -2.14 4.76
C TYR A 37 -16.91 -1.26 5.54
N GLY A 38 -17.85 -0.65 4.83
CA GLY A 38 -18.83 0.21 5.45
C GLY A 38 -18.46 1.68 5.54
N TRP A 39 -17.21 2.05 5.27
CA TRP A 39 -16.91 3.47 5.14
C TRP A 39 -17.76 4.03 4.00
N PRO A 40 -18.07 5.32 4.03
CA PRO A 40 -18.74 5.92 2.85
C PRO A 40 -17.93 5.71 1.59
N VAL A 41 -16.62 5.95 1.66
CA VAL A 41 -15.70 5.79 0.54
C VAL A 41 -14.42 5.14 1.05
N CYS A 42 -13.95 4.12 0.35
CA CYS A 42 -12.64 3.56 0.62
C CYS A 42 -11.96 3.15 -0.68
N TYR A 43 -10.69 3.50 -0.81
CA TYR A 43 -9.86 3.11 -1.93
C TYR A 43 -8.79 2.14 -1.46
N VAL A 44 -8.45 1.18 -2.30
CA VAL A 44 -7.14 0.53 -2.22
C VAL A 44 -6.23 1.26 -3.18
N THR A 45 -5.05 1.62 -2.69
CA THR A 45 -4.11 2.45 -3.42
C THR A 45 -2.74 1.81 -3.37
N VAL A 46 -1.86 2.28 -4.25
CA VAL A 46 -0.42 2.15 -4.03
C VAL A 46 0.02 3.43 -3.32
N ASN A 47 0.64 3.26 -2.16
CA ASN A 47 1.03 4.40 -1.31
C ASN A 47 2.28 3.98 -0.56
N HIS A 48 2.81 4.89 0.23
CA HIS A 48 3.99 4.61 1.03
C HIS A 48 3.76 5.04 2.46
N LYS A 49 4.54 4.45 3.37
CA LYS A 49 4.59 4.95 4.73
C LYS A 49 5.16 6.36 4.75
N HIS A 50 4.39 7.30 5.30
CA HIS A 50 4.74 8.70 5.34
C HIS A 50 5.29 9.16 6.68
N THR A 51 4.97 8.43 7.75
CA THR A 51 5.35 8.78 9.11
C THR A 51 6.00 7.58 9.78
N VAL A 52 6.54 7.82 10.98
CA VAL A 52 7.14 6.73 11.74
C VAL A 52 6.10 5.70 12.16
N ASN A 53 4.82 6.07 12.15
CA ASN A 53 3.74 5.14 12.48
C ASN A 53 3.21 4.38 11.27
N GLY A 54 3.74 4.64 10.09
CA GLY A 54 3.34 3.90 8.91
C GLY A 54 2.08 4.40 8.23
N THR A 55 1.54 5.54 8.64
CA THR A 55 0.36 6.08 7.99
C THR A 55 0.72 6.60 6.60
N GLY A 56 -0.30 6.72 5.75
CA GLY A 56 -0.06 6.90 4.32
C GLY A 56 0.28 8.33 3.94
N GLY A 57 1.07 8.44 2.88
CA GLY A 57 1.35 9.71 2.24
C GLY A 57 0.42 9.97 1.09
N ASN A 58 0.90 10.72 0.10
CA ASN A 58 0.13 10.94 -1.12
C ASN A 58 0.21 9.69 -1.98
N PRO A 59 -0.90 9.01 -2.26
CA PRO A 59 -0.82 7.75 -3.02
C PRO A 59 -0.30 7.96 -4.43
N ALA A 60 0.41 6.96 -4.93
CA ALA A 60 0.84 6.99 -6.33
C ALA A 60 -0.35 6.93 -7.26
N PHE A 61 -1.34 6.09 -6.93
CA PHE A 61 -2.57 5.99 -7.70
C PHE A 61 -3.53 5.10 -6.92
N GLN A 62 -4.82 5.22 -7.23
N GLN A 62 -4.81 5.27 -7.20
CA GLN A 62 -5.83 4.37 -6.62
CA GLN A 62 -5.82 4.37 -6.69
C GLN A 62 -6.20 3.25 -7.59
C GLN A 62 -5.91 3.16 -7.61
N ILE A 63 -6.38 2.04 -7.05
CA ILE A 63 -6.65 0.85 -7.83
C ILE A 63 -8.15 0.57 -7.91
N ALA A 64 -8.88 0.72 -6.81
CA ALA A 64 -10.29 0.39 -6.82
C ALA A 64 -10.97 0.96 -5.58
N ARG A 65 -12.28 1.20 -5.73
CA ARG A 65 -13.16 1.45 -4.60
C ARG A 65 -13.51 0.11 -3.94
N ILE A 66 -13.40 0.05 -2.61
CA ILE A 66 -13.55 -1.23 -1.91
C ILE A 66 -14.46 -1.17 -0.69
N GLU A 67 -15.13 -0.04 -0.44
CA GLU A 67 -15.90 0.06 0.80
C GLU A 67 -17.09 -0.89 0.82
N LYS A 68 -17.50 -1.44 -0.34
CA LYS A 68 -18.63 -2.36 -0.38
C LYS A 68 -18.20 -3.81 -0.30
N LEU A 69 -16.89 -4.08 -0.21
CA LEU A 69 -16.36 -5.43 -0.16
C LEU A 69 -16.17 -5.84 1.30
N ARG A 70 -16.83 -6.94 1.68
CA ARG A 70 -16.86 -7.34 3.08
CA ARG A 70 -16.85 -7.32 3.09
C ARG A 70 -15.52 -7.93 3.53
N THR A 71 -14.90 -8.76 2.70
CA THR A 71 -13.74 -9.52 3.11
C THR A 71 -12.48 -9.09 2.37
N LEU A 72 -11.33 -9.37 3.00
CA LEU A 72 -10.05 -9.06 2.36
C LEU A 72 -9.85 -9.90 1.10
N ALA A 73 -10.37 -11.13 1.07
CA ALA A 73 -10.28 -11.95 -0.14
C ALA A 73 -10.96 -11.25 -1.32
N GLU A 74 -12.12 -10.63 -1.08
CA GLU A 74 -12.79 -9.90 -2.15
C GLU A 74 -11.96 -8.71 -2.60
N VAL A 75 -11.27 -8.05 -1.67
CA VAL A 75 -10.38 -6.95 -2.06
C VAL A 75 -9.26 -7.47 -2.96
N ARG A 76 -8.68 -8.62 -2.57
CA ARG A 76 -7.62 -9.20 -3.38
C ARG A 76 -8.12 -9.57 -4.78
N ASP A 77 -9.33 -10.13 -4.87
CA ASP A 77 -9.87 -10.49 -6.18
C ASP A 77 -9.94 -9.26 -7.09
N VAL A 78 -10.37 -8.13 -6.55
CA VAL A 78 -10.53 -6.92 -7.37
C VAL A 78 -9.17 -6.36 -7.75
N VAL A 79 -8.22 -6.36 -6.81
CA VAL A 79 -6.89 -5.83 -7.10
C VAL A 79 -6.20 -6.69 -8.15
N LEU A 80 -6.24 -8.02 -7.99
CA LEU A 80 -5.57 -8.89 -8.94
C LEU A 80 -6.29 -8.93 -10.29
N LYS A 81 -7.58 -8.63 -10.33
CA LYS A 81 -8.26 -8.51 -11.62
C LYS A 81 -7.83 -7.25 -12.35
N ASN A 82 -7.68 -6.14 -11.62
CA ASN A 82 -7.48 -4.85 -12.26
C ASN A 82 -6.02 -4.48 -12.47
N ARG A 83 -5.08 -5.17 -11.81
CA ARG A 83 -3.67 -4.85 -11.95
C ARG A 83 -2.89 -6.15 -12.12
N SER A 84 -2.03 -6.18 -13.14
CA SER A 84 -1.12 -7.31 -13.29
C SER A 84 -0.01 -7.20 -12.27
N PHE A 85 0.41 -8.33 -11.74
CA PHE A 85 1.51 -8.37 -10.80
C PHE A 85 2.74 -8.95 -11.47
N PRO A 86 3.95 -8.52 -11.07
CA PRO A 86 4.21 -7.50 -10.04
C PRO A 86 3.83 -6.08 -10.43
N ILE A 87 3.40 -5.29 -9.45
CA ILE A 87 3.22 -3.87 -9.62
C ILE A 87 4.56 -3.20 -9.36
N GLU A 88 5.06 -2.47 -10.35
CA GLU A 88 6.37 -1.85 -10.28
C GLU A 88 6.30 -0.41 -10.74
N GLY A 89 7.15 0.42 -10.16
CA GLY A 89 7.25 1.81 -10.59
C GLY A 89 7.99 2.63 -9.55
N GLN A 90 7.72 3.93 -9.58
CA GLN A 90 8.28 4.86 -8.61
C GLN A 90 7.18 5.65 -7.93
N THR A 91 7.49 6.12 -6.74
CA THR A 91 6.69 7.14 -6.05
C THR A 91 7.67 7.96 -5.21
N THR A 92 7.16 9.00 -4.57
CA THR A 92 8.01 9.97 -3.89
C THR A 92 7.52 10.24 -2.48
N HIS A 93 8.46 10.62 -1.62
CA HIS A 93 8.19 10.97 -0.24
C HIS A 93 8.88 12.30 0.07
N ARG A 94 8.10 13.24 0.60
CA ARG A 94 8.64 14.49 1.12
CA ARG A 94 8.63 14.49 1.12
C ARG A 94 7.90 14.74 2.43
N GLY A 95 8.63 14.68 3.54
CA GLY A 95 8.03 14.80 4.84
C GLY A 95 8.97 14.30 5.92
N PRO A 96 8.44 13.62 6.93
CA PRO A 96 9.28 13.14 8.03
C PRO A 96 10.45 12.30 7.53
N SER A 97 11.59 12.44 8.21
CA SER A 97 12.74 11.60 7.92
C SER A 97 12.43 10.15 8.23
N LEU A 98 12.60 9.27 7.24
CA LEU A 98 12.39 7.84 7.39
C LEU A 98 13.67 7.11 7.03
N ASN A 99 14.16 6.27 7.94
CA ASN A 99 15.27 5.39 7.60
C ASN A 99 14.74 4.19 6.80
N SER A 100 15.66 3.36 6.30
CA SER A 100 15.26 2.28 5.41
CA SER A 100 15.26 2.28 5.41
C SER A 100 14.26 1.34 6.06
N ASN A 101 14.34 1.15 7.38
CA ASN A 101 13.42 0.28 8.09
C ASN A 101 12.06 0.91 8.29
N GLN A 102 11.90 2.18 7.93
CA GLN A 102 10.64 2.90 8.00
C GLN A 102 10.05 3.19 6.64
N GLU A 103 10.78 2.89 5.57
CA GLU A 103 10.29 3.09 4.22
C GLU A 103 9.53 1.86 3.76
N CYS A 104 8.44 2.08 3.03
CA CYS A 104 7.71 0.98 2.43
C CYS A 104 6.69 1.50 1.45
N VAL A 105 6.59 0.85 0.30
CA VAL A 105 5.52 1.06 -0.66
C VAL A 105 4.69 -0.21 -0.68
N GLY A 106 3.37 -0.05 -0.59
CA GLY A 106 2.51 -1.21 -0.57
C GLY A 106 1.08 -0.84 -0.91
N LEU A 107 0.19 -1.80 -0.71
CA LEU A 107 -1.24 -1.60 -0.95
C LEU A 107 -1.86 -1.07 0.34
N PHE A 108 -2.31 0.18 0.29
CA PHE A 108 -2.97 0.85 1.39
C PHE A 108 -4.48 0.85 1.16
N TYR A 109 -5.23 0.89 2.26
CA TYR A 109 -6.64 1.27 2.23
C TYR A 109 -6.76 2.65 2.87
N GLN A 110 -7.67 3.46 2.34
CA GLN A 110 -7.75 4.85 2.75
C GLN A 110 -9.03 5.49 2.23
N PRO A 111 -9.54 6.53 2.89
CA PRO A 111 -10.80 7.15 2.44
C PRO A 111 -10.61 8.15 1.32
N ASN A 112 -9.42 8.71 1.17
CA ASN A 112 -9.11 9.74 0.21
C ASN A 112 -8.34 9.14 -0.96
N SER A 113 -8.56 9.70 -2.16
N SER A 113 -8.56 9.69 -2.15
CA SER A 113 -7.88 9.20 -3.35
CA SER A 113 -7.88 9.22 -3.35
C SER A 113 -6.61 9.99 -3.69
C SER A 113 -6.58 9.95 -3.62
N SER A 114 -6.38 11.12 -3.03
CA SER A 114 -5.14 11.87 -3.22
C SER A 114 -4.87 12.70 -1.97
N GLY A 115 -3.65 13.22 -1.90
CA GLY A 115 -3.20 13.97 -0.75
C GLY A 115 -2.67 13.06 0.34
N ILE A 116 -2.02 13.67 1.34
CA ILE A 116 -1.54 12.93 2.50
C ILE A 116 -2.72 12.16 3.11
N SER A 117 -2.43 10.98 3.65
CA SER A 117 -3.46 10.00 4.02
C SER A 117 -3.30 9.55 5.45
N PRO A 118 -3.60 10.42 6.42
CA PRO A 118 -3.41 10.04 7.83
C PRO A 118 -4.27 8.86 8.28
N ARG A 119 -5.42 8.63 7.64
CA ARG A 119 -6.24 7.47 7.96
C ARG A 119 -5.95 6.28 7.06
N GLY A 120 -4.95 6.39 6.17
CA GLY A 120 -4.56 5.27 5.33
C GLY A 120 -3.54 4.38 6.04
N LYS A 121 -3.72 3.07 5.86
CA LYS A 121 -2.80 2.08 6.40
C LYS A 121 -2.60 0.98 5.38
N LEU A 122 -1.46 0.29 5.48
CA LEU A 122 -1.26 -0.91 4.68
C LEU A 122 -2.35 -1.92 4.99
N LEU A 123 -2.78 -2.66 3.96
CA LEU A 123 -3.77 -3.69 4.17
C LEU A 123 -3.20 -4.76 5.11
N PRO A 124 -4.06 -5.46 5.83
CA PRO A 124 -3.57 -6.53 6.72
C PRO A 124 -2.71 -7.53 5.96
N GLY A 125 -1.63 -7.95 6.60
CA GLY A 125 -0.73 -8.92 6.02
C GLY A 125 0.33 -8.35 5.11
N SER A 126 0.47 -7.03 5.06
CA SER A 126 1.49 -6.40 4.23
C SER A 126 2.86 -6.60 4.86
N LEU A 127 3.79 -7.12 4.07
CA LEU A 127 5.16 -7.32 4.50
C LEU A 127 6.06 -6.40 3.68
N CYS A 128 6.85 -5.59 4.38
CA CYS A 128 7.71 -4.60 3.75
C CYS A 128 9.15 -5.08 3.77
N GLY A 129 9.77 -5.13 2.59
CA GLY A 129 11.17 -5.47 2.48
C GLY A 129 11.48 -6.95 2.44
N ILE A 130 10.46 -7.80 2.36
CA ILE A 130 10.63 -9.25 2.43
C ILE A 130 10.23 -9.83 1.08
N ALA A 131 11.08 -10.69 0.53
CA ALA A 131 10.78 -11.32 -0.74
C ALA A 131 9.87 -12.52 -0.52
N PRO A 132 8.94 -12.80 -1.44
CA PRO A 132 8.08 -13.97 -1.30
C PRO A 132 8.88 -15.24 -1.51
N PRO A 133 8.36 -16.39 -1.09
CA PRO A 133 9.01 -17.66 -1.43
C PRO A 133 8.82 -17.96 -2.91
N PRO A 134 9.69 -18.78 -3.50
CA PRO A 134 9.47 -19.19 -4.89
C PRO A 134 8.33 -20.20 -5.02
#